data_5M23
#
_entry.id   5M23
#
_cell.length_a   80.553
_cell.length_b   86.098
_cell.length_c   40.407
_cell.angle_alpha   90.00
_cell.angle_beta   90.00
_cell.angle_gamma   90.00
#
_symmetry.space_group_name_H-M   'P 21 21 2'
#
loop_
_entity.id
_entity.type
_entity.pdbx_description
1 polymer 'WD repeat-containing protein 5'
2 non-polymer 4-[(~{E})-[4-[[[(2~{S})-2-[[(2~{S})-2-[[(2~{S})-2-[[(2~{S})-2-azanyl-3-oxidanyl-propanoyl]amino]propanoyl]amino]-5-carbamimidamido-pentanoyl]amino]propanoyl]amino]methyl]phenyl]diazenyl]-~{N}-[(2~{S})-3-methyl-1-oxidanylidene-butan-2-yl]benzamide
3 water water
#
_entity_poly.entity_id   1
_entity_poly.type   'polypeptide(L)'
_entity_poly.pdbx_seq_one_letter_code
;MGSSHHHHHHSSGLVPRGSHMASMSDSEVNQEAKPEVKPEVKPETHINLKVSDGSSEIFFKIKKTTPLRRLMEAFAKRQG
KEMDSLRFLYDGIRIQADQTPEDLDMEDNDIIEAHREQIGGSATQSKPTPVKPNYALKFTLAGHTKAVSSVKFSPNGEWL
ASSSADKLIKIWGAYDGKFEKTISGHKLGISDVAWSSDSNLLVSASDDKTLKIWDVSSGKCLKTLKGHSNYVFCCNFNPQ
SNLIVSGSFDESVRIWDVKTGKCLKTLPAHSDPVSAVHFNRDGSLIVSSSYDGLCRIWDTASGQCLKTLIDDDNPPVSFV
KFSPNGKYILAATLDNTLKLWDYSKGKCLKTYTGHKNEKYCIFANFSVTGGKWIVSGSEDNLVYIWNLQTKEIVQKLQGH
TDVVISTACHPTENIIASAALENDKTIKLWKSDC
;
_entity_poly.pdbx_strand_id   A
#
# COMPACT_ATOMS: atom_id res chain seq x y z
N PRO A 133 19.63 2.64 -11.33
CA PRO A 133 19.36 4.05 -11.03
C PRO A 133 20.32 4.55 -9.98
N ASN A 134 20.21 5.82 -9.61
CA ASN A 134 21.10 6.34 -8.59
C ASN A 134 20.32 7.16 -7.55
N TYR A 135 19.34 6.50 -6.92
CA TYR A 135 18.61 7.13 -5.82
C TYR A 135 19.54 7.56 -4.69
N ALA A 136 19.45 8.82 -4.30
CA ALA A 136 20.19 9.27 -3.10
C ALA A 136 19.28 10.06 -2.13
N LEU A 137 19.61 9.99 -0.84
CA LEU A 137 18.78 10.56 0.20
C LEU A 137 18.72 12.06 0.02
N LYS A 138 17.52 12.62 -0.11
CA LYS A 138 17.38 14.05 -0.24
C LYS A 138 16.76 14.67 1.00
N PHE A 139 15.77 14.02 1.59
CA PHE A 139 15.14 14.57 2.79
C PHE A 139 14.75 13.51 3.79
N THR A 140 14.87 13.84 5.06
CA THR A 140 14.33 13.00 6.13
C THR A 140 13.20 13.75 6.82
N LEU A 141 12.07 13.07 6.92
CA LEU A 141 10.85 13.64 7.43
C LEU A 141 10.53 13.10 8.81
N ALA A 142 10.65 13.94 9.81
CA ALA A 142 10.48 13.51 11.18
C ALA A 142 9.24 14.20 11.76
N GLY A 143 8.52 13.51 12.64
CA GLY A 143 7.42 14.17 13.34
C GLY A 143 6.40 13.20 13.87
N HIS A 144 6.27 12.03 13.24
CA HIS A 144 5.49 10.97 13.85
C HIS A 144 6.18 10.50 15.13
N THR A 145 5.38 10.22 16.15
CA THR A 145 5.88 9.87 17.45
C THR A 145 5.84 8.37 17.68
N LYS A 146 5.29 7.64 16.70
CA LYS A 146 5.35 6.19 16.74
C LYS A 146 5.64 5.69 15.32
N ALA A 147 5.67 4.38 15.19
CA ALA A 147 5.90 3.72 13.93
C ALA A 147 5.09 4.32 12.78
N VAL A 148 5.73 4.51 11.62
CA VAL A 148 5.01 4.95 10.44
C VAL A 148 4.57 3.68 9.73
N SER A 149 3.33 3.67 9.25
CA SER A 149 2.82 2.41 8.76
C SER A 149 2.73 2.41 7.24
N SER A 150 2.56 3.59 6.66
CA SER A 150 2.24 3.68 5.24
C SER A 150 2.57 5.06 4.74
N VAL A 151 3.13 5.15 3.54
CA VAL A 151 3.31 6.42 2.85
C VAL A 151 2.79 6.33 1.40
N LYS A 152 2.15 7.40 0.92
CA LYS A 152 1.56 7.43 -0.43
C LYS A 152 1.70 8.81 -1.08
N PHE A 153 2.14 8.87 -2.33
CA PHE A 153 2.14 10.15 -3.06
C PHE A 153 0.76 10.50 -3.60
N SER A 154 0.36 11.79 -3.54
CA SER A 154 -0.87 12.17 -4.22
C SER A 154 -0.74 11.94 -5.73
N PRO A 155 -1.84 11.63 -6.41
CA PRO A 155 -1.72 11.40 -7.85
C PRO A 155 -1.27 12.63 -8.61
N ASN A 156 -1.55 13.83 -8.08
CA ASN A 156 -1.10 15.01 -8.80
C ASN A 156 0.38 15.31 -8.55
N GLY A 157 1.04 14.50 -7.71
CA GLY A 157 2.48 14.57 -7.49
C GLY A 157 2.97 15.62 -6.50
N GLU A 158 2.06 16.36 -5.86
CA GLU A 158 2.44 17.49 -5.01
C GLU A 158 2.68 17.12 -3.57
N TRP A 159 2.05 16.05 -3.13
CA TRP A 159 2.01 15.73 -1.72
C TRP A 159 2.35 14.30 -1.42
N LEU A 160 2.85 14.10 -0.20
CA LEU A 160 3.05 12.80 0.41
C LEU A 160 2.11 12.69 1.64
N ALA A 161 1.32 11.60 1.75
CA ALA A 161 0.58 11.38 3.01
C ALA A 161 1.16 10.20 3.76
N SER A 162 1.19 10.26 5.08
CA SER A 162 1.79 9.19 5.89
C SER A 162 0.83 8.85 7.01
N SER A 163 0.75 7.56 7.35
CA SER A 163 -0.11 7.11 8.43
C SER A 163 0.79 6.54 9.52
N SER A 164 0.36 6.58 10.76
CA SER A 164 1.20 6.10 11.84
C SER A 164 0.45 5.34 12.92
N ALA A 165 1.19 4.54 13.70
CA ALA A 165 0.67 3.93 14.93
C ALA A 165 0.27 4.98 15.97
N ASP A 166 0.68 6.23 15.75
CA ASP A 166 0.30 7.32 16.67
C ASP A 166 -1.06 7.96 16.36
N LYS A 167 -1.88 7.28 15.54
CA LYS A 167 -3.27 7.65 15.24
C LYS A 167 -3.39 8.87 14.31
N LEU A 168 -2.28 9.33 13.76
CA LEU A 168 -2.29 10.49 12.90
C LEU A 168 -1.97 10.21 11.45
N ILE A 169 -2.56 11.03 10.58
CA ILE A 169 -2.13 11.19 9.20
C ILE A 169 -1.34 12.51 9.11
N LYS A 170 -0.16 12.46 8.49
CA LYS A 170 0.56 13.72 8.21
C LYS A 170 0.71 13.95 6.71
N ILE A 171 0.68 15.19 6.29
CA ILE A 171 0.80 15.52 4.87
C ILE A 171 2.09 16.31 4.66
N TRP A 172 2.88 15.99 3.63
CA TRP A 172 4.19 16.63 3.39
C TRP A 172 4.34 17.04 1.94
N GLY A 173 5.16 18.07 1.67
CA GLY A 173 5.49 18.45 0.31
C GLY A 173 6.29 17.30 -0.34
N ALA A 174 5.89 16.88 -1.53
CA ALA A 174 6.53 15.72 -2.20
C ALA A 174 7.94 16.07 -2.71
N TYR A 175 8.13 17.35 -3.04
CA TYR A 175 9.39 17.81 -3.64
C TYR A 175 10.40 18.38 -2.65
N ASP A 176 9.90 19.02 -1.60
CA ASP A 176 10.76 19.68 -0.62
C ASP A 176 10.79 18.91 0.73
N GLY A 177 9.94 17.90 0.90
CA GLY A 177 9.76 17.25 2.21
C GLY A 177 9.19 18.13 3.35
N LYS A 178 8.64 19.28 3.01
CA LYS A 178 8.20 20.23 4.04
C LYS A 178 6.90 19.76 4.69
N PHE A 179 6.89 19.64 6.03
CA PHE A 179 5.65 19.29 6.76
C PHE A 179 4.52 20.26 6.43
N GLU A 180 3.33 19.73 6.10
CA GLU A 180 2.20 20.57 5.71
C GLU A 180 1.15 20.65 6.81
N LYS A 181 0.55 19.50 7.14
CA LYS A 181 -0.49 19.50 8.18
C LYS A 181 -0.71 18.12 8.77
N THR A 182 -1.36 18.08 9.94
CA THR A 182 -1.71 16.83 10.60
C THR A 182 -3.22 16.59 10.52
N ILE A 183 -3.65 15.35 10.26
CA ILE A 183 -5.06 15.01 10.18
C ILE A 183 -5.34 13.97 11.24
N SER A 184 -6.29 14.26 12.13
CA SER A 184 -6.51 13.40 13.29
C SER A 184 -8.00 13.09 13.48
N GLY A 185 -8.31 12.06 14.27
CA GLY A 185 -9.67 11.61 14.45
C GLY A 185 -9.77 10.13 14.79
N HIS A 186 -8.92 9.29 14.21
CA HIS A 186 -8.96 7.88 14.59
C HIS A 186 -8.66 7.67 16.07
N LYS A 187 -9.26 6.63 16.65
CA LYS A 187 -9.12 6.33 18.07
C LYS A 187 -7.95 5.39 18.36
N LEU A 188 -7.48 4.71 17.32
CA LEU A 188 -6.34 3.81 17.44
C LEU A 188 -5.43 3.98 16.24
N GLY A 189 -4.33 3.24 16.22
CA GLY A 189 -3.30 3.42 15.21
C GLY A 189 -3.83 3.12 13.81
N ILE A 190 -3.19 3.73 12.83
CA ILE A 190 -3.60 3.63 11.43
C ILE A 190 -2.60 2.78 10.63
N SER A 191 -3.09 1.78 9.89
CA SER A 191 -2.21 0.90 9.13
C SER A 191 -2.06 1.25 7.66
N ASP A 192 -2.89 2.16 7.15
CA ASP A 192 -2.86 2.44 5.73
C ASP A 192 -3.64 3.67 5.41
N VAL A 193 -3.23 4.31 4.32
CA VAL A 193 -3.85 5.50 3.82
C VAL A 193 -3.86 5.46 2.28
N ALA A 194 -4.80 6.14 1.65
CA ALA A 194 -4.80 6.18 0.17
C ALA A 194 -5.47 7.47 -0.32
N TRP A 195 -5.06 7.95 -1.49
CA TRP A 195 -5.57 9.18 -2.10
C TRP A 195 -6.66 8.92 -3.11
N SER A 196 -7.63 9.84 -3.22
CA SER A 196 -8.53 9.78 -4.38
C SER A 196 -7.78 10.26 -5.62
N SER A 197 -8.27 9.96 -6.83
CA SER A 197 -7.48 10.22 -8.02
C SER A 197 -7.42 11.73 -8.37
N ASP A 198 -8.27 12.52 -7.74
CA ASP A 198 -8.17 13.97 -7.90
C ASP A 198 -7.31 14.64 -6.80
N SER A 199 -6.65 13.82 -5.97
CA SER A 199 -5.84 14.33 -4.84
C SER A 199 -6.60 15.21 -3.82
N ASN A 200 -7.93 15.10 -3.77
CA ASN A 200 -8.67 15.89 -2.81
C ASN A 200 -9.09 15.14 -1.54
N LEU A 201 -9.21 13.82 -1.66
CA LEU A 201 -9.62 13.02 -0.54
C LEU A 201 -8.57 12.02 -0.14
N LEU A 202 -8.58 11.66 1.13
CA LEU A 202 -7.79 10.56 1.65
C LEU A 202 -8.68 9.55 2.33
N VAL A 203 -8.31 8.28 2.30
CA VAL A 203 -9.00 7.34 3.15
C VAL A 203 -7.97 6.68 4.04
N SER A 204 -8.32 6.42 5.29
CA SER A 204 -7.37 5.79 6.21
C SER A 204 -8.02 4.55 6.82
N ALA A 205 -7.19 3.53 7.10
CA ALA A 205 -7.64 2.26 7.69
C ALA A 205 -7.02 2.03 9.08
N SER A 206 -7.86 1.75 10.06
CA SER A 206 -7.45 1.83 11.46
C SER A 206 -7.71 0.57 12.26
N ASP A 207 -6.92 0.40 13.32
CA ASP A 207 -7.15 -0.63 14.34
C ASP A 207 -8.47 -0.42 15.09
N ASP A 208 -9.03 0.78 15.01
CA ASP A 208 -10.32 1.07 15.68
C ASP A 208 -11.53 0.46 14.90
N LYS A 209 -11.23 -0.33 13.86
CA LYS A 209 -12.23 -1.11 13.09
C LYS A 209 -12.97 -0.26 12.08
N THR A 210 -12.56 0.98 11.92
CA THR A 210 -13.19 1.89 10.95
C THR A 210 -12.26 2.34 9.85
N LEU A 211 -12.84 2.82 8.76
CA LEU A 211 -12.10 3.69 7.86
C LEU A 211 -12.71 5.09 7.95
N LYS A 212 -11.90 6.09 7.70
CA LYS A 212 -12.44 7.44 7.58
C LYS A 212 -12.02 8.02 6.24
N ILE A 213 -12.93 8.79 5.67
CA ILE A 213 -12.69 9.57 4.48
C ILE A 213 -12.47 11.01 4.87
N TRP A 214 -11.38 11.60 4.38
CA TRP A 214 -10.96 12.96 4.78
C TRP A 214 -10.90 13.90 3.57
N ASP A 215 -11.45 15.09 3.73
CA ASP A 215 -11.22 16.18 2.80
C ASP A 215 -9.87 16.79 3.13
N VAL A 216 -8.85 16.56 2.30
CA VAL A 216 -7.48 16.95 2.67
C VAL A 216 -7.35 18.48 2.89
N SER A 217 -7.99 19.27 2.04
CA SER A 217 -7.70 20.72 2.08
C SER A 217 -8.34 21.34 3.37
N SER A 218 -9.48 20.81 3.81
CA SER A 218 -10.08 21.31 5.05
C SER A 218 -9.72 20.51 6.31
N GLY A 219 -9.18 19.29 6.16
CA GLY A 219 -8.97 18.41 7.31
C GLY A 219 -10.24 17.74 7.87
N LYS A 220 -11.38 18.03 7.26
CA LYS A 220 -12.66 17.44 7.69
C LYS A 220 -12.72 15.92 7.51
N CYS A 221 -13.24 15.19 8.50
CA CYS A 221 -13.65 13.80 8.29
C CYS A 221 -15.06 13.78 7.66
N LEU A 222 -15.15 13.43 6.39
CA LEU A 222 -16.43 13.42 5.69
C LEU A 222 -17.31 12.24 6.04
N LYS A 223 -16.67 11.08 6.26
CA LYS A 223 -17.40 9.85 6.48
C LYS A 223 -16.59 8.95 7.36
N THR A 224 -17.26 8.19 8.19
CA THR A 224 -16.62 7.13 8.92
C THR A 224 -17.27 5.83 8.45
N LEU A 225 -16.44 4.90 7.99
CA LEU A 225 -16.94 3.63 7.38
C LEU A 225 -16.96 2.52 8.40
N LYS A 226 -18.15 2.10 8.82
CA LYS A 226 -18.25 1.16 9.91
C LYS A 226 -18.79 -0.18 9.43
N GLY A 227 -18.32 -1.29 10.00
CA GLY A 227 -18.78 -2.59 9.52
C GLY A 227 -17.79 -3.74 9.67
N HIS A 228 -16.48 -3.45 9.54
CA HIS A 228 -15.50 -4.47 9.88
C HIS A 228 -15.59 -4.78 11.38
N SER A 229 -15.24 -5.98 11.79
CA SER A 229 -15.33 -6.29 13.20
C SER A 229 -13.97 -6.60 13.78
N ASN A 230 -12.93 -6.14 13.09
CA ASN A 230 -11.59 -6.22 13.58
C ASN A 230 -10.76 -5.16 12.86
N TYR A 231 -9.49 -5.04 13.22
CA TYR A 231 -8.60 -4.05 12.61
C TYR A 231 -8.78 -3.92 11.11
N VAL A 232 -8.95 -2.70 10.62
CA VAL A 232 -8.88 -2.49 9.20
C VAL A 232 -7.42 -2.32 8.82
N PHE A 233 -6.94 -3.13 7.87
CA PHE A 233 -5.52 -3.23 7.59
C PHE A 233 -5.06 -2.47 6.33
N CYS A 234 -5.93 -2.39 5.32
CA CYS A 234 -5.53 -1.87 4.01
C CYS A 234 -6.74 -1.25 3.32
N CYS A 235 -6.48 -0.32 2.41
CA CYS A 235 -7.56 0.40 1.75
C CYS A 235 -7.11 1.05 0.44
N ASN A 236 -8.04 1.33 -0.47
CA ASN A 236 -7.69 1.98 -1.73
C ASN A 236 -8.94 2.55 -2.37
N PHE A 237 -8.80 3.63 -3.11
CA PHE A 237 -9.87 4.12 -3.98
C PHE A 237 -9.74 3.39 -5.31
N ASN A 238 -10.84 3.34 -6.05
CA ASN A 238 -10.80 2.97 -7.44
C ASN A 238 -10.46 4.21 -8.27
N PRO A 239 -10.03 4.04 -9.54
CA PRO A 239 -9.64 5.22 -10.34
C PRO A 239 -10.73 6.29 -10.50
N GLN A 240 -11.99 5.87 -10.57
CA GLN A 240 -13.07 6.83 -10.63
C GLN A 240 -13.25 7.48 -9.26
N SER A 241 -12.75 6.80 -8.22
CA SER A 241 -12.80 7.29 -6.82
C SER A 241 -14.21 7.47 -6.26
N ASN A 242 -15.15 6.68 -6.79
CA ASN A 242 -16.48 6.64 -6.18
C ASN A 242 -16.60 5.45 -5.22
N LEU A 243 -15.64 4.53 -5.29
CA LEU A 243 -15.60 3.34 -4.43
C LEU A 243 -14.32 3.32 -3.60
N ILE A 244 -14.43 2.71 -2.43
CA ILE A 244 -13.28 2.38 -1.61
C ILE A 244 -13.30 0.87 -1.36
N VAL A 245 -12.15 0.24 -1.46
CA VAL A 245 -12.04 -1.14 -1.05
C VAL A 245 -11.22 -1.21 0.24
N SER A 246 -11.61 -2.10 1.15
CA SER A 246 -10.88 -2.32 2.39
C SER A 246 -10.67 -3.80 2.69
N GLY A 247 -9.57 -4.09 3.39
CA GLY A 247 -9.29 -5.43 3.88
C GLY A 247 -9.07 -5.39 5.37
N SER A 248 -9.45 -6.46 6.05
CA SER A 248 -9.44 -6.47 7.51
C SER A 248 -8.90 -7.79 8.11
N PHE A 249 -8.56 -7.74 9.40
CA PHE A 249 -8.24 -8.93 10.20
C PHE A 249 -9.47 -9.81 10.38
N ASP A 250 -10.66 -9.27 10.14
CA ASP A 250 -11.89 -10.09 10.17
C ASP A 250 -12.03 -10.97 8.92
N GLU A 251 -10.99 -10.97 8.07
CA GLU A 251 -10.85 -11.89 6.92
C GLU A 251 -11.79 -11.53 5.78
N SER A 252 -12.42 -10.36 5.86
CA SER A 252 -13.28 -9.93 4.76
C SER A 252 -12.68 -8.77 3.98
N VAL A 253 -13.14 -8.66 2.76
CA VAL A 253 -12.92 -7.49 1.92
C VAL A 253 -14.28 -6.78 1.80
N ARG A 254 -14.30 -5.46 1.98
CA ARG A 254 -15.51 -4.68 1.78
C ARG A 254 -15.37 -3.61 0.71
N ILE A 255 -16.46 -3.35 0.01
CA ILE A 255 -16.48 -2.32 -1.03
C ILE A 255 -17.47 -1.24 -0.60
N TRP A 256 -17.01 -0.01 -0.52
CA TRP A 256 -17.83 1.10 0.07
C TRP A 256 -18.13 2.19 -0.94
N ASP A 257 -19.30 2.81 -0.80
CA ASP A 257 -19.64 3.98 -1.59
C ASP A 257 -18.98 5.25 -0.98
N VAL A 258 -18.21 6.01 -1.77
CA VAL A 258 -17.52 7.19 -1.21
C VAL A 258 -18.55 8.25 -0.79
N LYS A 259 -19.53 8.49 -1.65
CA LYS A 259 -20.47 9.57 -1.35
C LYS A 259 -21.39 9.29 -0.16
N THR A 260 -21.75 8.05 0.06
CA THR A 260 -22.72 7.82 1.14
C THR A 260 -22.08 7.21 2.38
N GLY A 261 -20.86 6.69 2.27
CA GLY A 261 -20.25 6.06 3.42
C GLY A 261 -20.79 4.67 3.75
N LYS A 262 -21.61 4.13 2.84
CA LYS A 262 -22.26 2.87 3.08
C LYS A 262 -21.48 1.68 2.44
N CYS A 263 -21.41 0.55 3.13
CA CYS A 263 -20.82 -0.65 2.56
C CYS A 263 -21.72 -1.25 1.46
N LEU A 264 -21.26 -1.22 0.21
CA LEU A 264 -21.97 -1.86 -0.90
C LEU A 264 -21.88 -3.38 -0.96
N LYS A 265 -20.69 -3.94 -0.70
CA LYS A 265 -20.54 -5.40 -0.68
C LYS A 265 -19.63 -5.84 0.42
N THR A 266 -19.90 -7.02 0.97
CA THR A 266 -18.90 -7.73 1.77
C THR A 266 -18.51 -9.01 1.06
N LEU A 267 -17.23 -9.21 0.79
CA LEU A 267 -16.77 -10.45 0.19
C LEU A 267 -16.13 -11.36 1.25
N PRO A 268 -16.58 -12.63 1.33
CA PRO A 268 -15.97 -13.64 2.21
C PRO A 268 -14.61 -14.05 1.65
N ALA A 269 -13.69 -13.11 1.62
CA ALA A 269 -12.58 -13.22 0.68
C ALA A 269 -11.52 -14.27 1.07
N HIS A 270 -11.30 -14.42 2.37
CA HIS A 270 -10.19 -15.20 2.86
C HIS A 270 -10.48 -15.89 4.18
N SER A 271 -9.55 -16.75 4.58
CA SER A 271 -9.66 -17.49 5.82
C SER A 271 -8.64 -17.01 6.88
N ASP A 272 -7.96 -15.89 6.61
CA ASP A 272 -7.06 -15.24 7.58
C ASP A 272 -7.06 -13.75 7.30
N PRO A 273 -6.38 -12.97 8.16
CA PRO A 273 -6.40 -11.53 7.90
C PRO A 273 -6.02 -11.14 6.46
N VAL A 274 -6.73 -10.13 5.97
CA VAL A 274 -6.49 -9.63 4.62
C VAL A 274 -5.37 -8.62 4.66
N SER A 275 -4.32 -8.89 3.89
CA SER A 275 -3.11 -8.09 4.01
C SER A 275 -3.12 -6.93 3.03
N ALA A 276 -3.72 -7.08 1.85
CA ALA A 276 -3.73 -6.00 0.87
C ALA A 276 -4.96 -6.04 -0.02
N VAL A 277 -5.37 -4.90 -0.57
CA VAL A 277 -6.45 -4.84 -1.54
C VAL A 277 -6.09 -3.74 -2.54
N HIS A 278 -6.48 -3.88 -3.79
CA HIS A 278 -6.06 -2.95 -4.82
C HIS A 278 -6.98 -3.05 -6.04
N PHE A 279 -7.42 -1.92 -6.57
CA PHE A 279 -8.14 -1.92 -7.86
C PHE A 279 -7.19 -1.94 -9.04
N ASN A 280 -7.59 -2.60 -10.13
CA ASN A 280 -6.82 -2.49 -11.35
C ASN A 280 -7.08 -1.15 -12.04
N ARG A 281 -6.49 -0.95 -13.22
CA ARG A 281 -6.46 0.36 -13.89
C ARG A 281 -7.83 0.93 -14.25
N ASP A 282 -8.83 0.10 -14.44
CA ASP A 282 -10.09 0.70 -14.79
C ASP A 282 -11.19 0.40 -13.74
N GLY A 283 -10.77 -0.06 -12.57
CA GLY A 283 -11.68 -0.30 -11.48
C GLY A 283 -12.53 -1.57 -11.57
N SER A 284 -12.43 -2.31 -12.69
CA SER A 284 -13.33 -3.46 -12.88
C SER A 284 -12.95 -4.64 -11.99
N LEU A 285 -11.66 -4.73 -11.65
CA LEU A 285 -11.14 -5.79 -10.81
C LEU A 285 -10.53 -5.28 -9.50
N ILE A 286 -10.66 -6.09 -8.47
CA ILE A 286 -9.95 -5.96 -7.19
C ILE A 286 -9.01 -7.15 -6.96
N VAL A 287 -7.79 -6.92 -6.50
CA VAL A 287 -6.99 -8.06 -6.03
C VAL A 287 -6.79 -7.97 -4.52
N SER A 288 -6.90 -9.11 -3.85
CA SER A 288 -6.73 -9.21 -2.39
C SER A 288 -5.66 -10.27 -2.09
N SER A 289 -5.04 -10.15 -0.93
CA SER A 289 -4.05 -11.12 -0.47
C SER A 289 -4.27 -11.35 1.03
N SER A 290 -3.77 -12.46 1.52
CA SER A 290 -4.04 -12.79 2.91
C SER A 290 -2.95 -13.65 3.49
N TYR A 291 -2.89 -13.68 4.81
CA TYR A 291 -2.04 -14.62 5.52
C TYR A 291 -2.37 -16.07 5.18
N ASP A 292 -3.54 -16.32 4.60
CA ASP A 292 -3.94 -17.68 4.24
C ASP A 292 -3.12 -18.21 3.05
N GLY A 293 -2.32 -17.34 2.46
CA GLY A 293 -1.38 -17.72 1.41
C GLY A 293 -1.95 -17.57 0.01
N LEU A 294 -3.13 -16.96 -0.08
CA LEU A 294 -3.83 -16.79 -1.36
C LEU A 294 -3.83 -15.35 -1.84
N CYS A 295 -3.73 -15.18 -3.15
CA CYS A 295 -4.19 -13.99 -3.87
C CYS A 295 -5.48 -14.31 -4.56
N ARG A 296 -6.48 -13.44 -4.39
CA ARG A 296 -7.76 -13.58 -5.14
C ARG A 296 -8.09 -12.35 -5.96
N ILE A 297 -8.63 -12.58 -7.14
CA ILE A 297 -9.05 -11.49 -7.98
C ILE A 297 -10.59 -11.52 -8.05
N TRP A 298 -11.16 -10.34 -7.91
CA TRP A 298 -12.60 -10.18 -7.74
C TRP A 298 -13.18 -9.25 -8.77
N ASP A 299 -14.40 -9.53 -9.15
CA ASP A 299 -15.11 -8.66 -10.04
C ASP A 299 -15.77 -7.54 -9.21
N THR A 300 -15.41 -6.28 -9.46
CA THR A 300 -15.88 -5.16 -8.65
C THR A 300 -17.39 -5.09 -8.66
N ALA A 301 -17.94 -5.12 -9.88
CA ALA A 301 -19.38 -4.95 -10.07
C ALA A 301 -20.25 -6.05 -9.44
N SER A 302 -19.82 -7.31 -9.50
CA SER A 302 -20.63 -8.40 -8.93
C SER A 302 -20.15 -9.01 -7.62
N GLY A 303 -18.90 -8.79 -7.24
CA GLY A 303 -18.40 -9.40 -6.02
C GLY A 303 -17.98 -10.86 -6.16
N GLN A 304 -17.99 -11.38 -7.37
CA GLN A 304 -17.62 -12.78 -7.53
C GLN A 304 -16.11 -12.92 -7.69
N CYS A 305 -15.58 -14.01 -7.14
CA CYS A 305 -14.20 -14.39 -7.27
C CYS A 305 -13.91 -14.90 -8.64
N LEU A 306 -13.00 -14.25 -9.34
CA LEU A 306 -12.72 -14.58 -10.71
C LEU A 306 -11.48 -15.47 -10.83
N LYS A 307 -10.69 -15.53 -9.78
CA LYS A 307 -9.44 -16.21 -9.82
C LYS A 307 -8.82 -16.34 -8.44
N THR A 308 -8.24 -17.52 -8.20
CA THR A 308 -7.41 -17.76 -7.03
C THR A 308 -6.01 -18.15 -7.52
N LEU A 309 -5.02 -17.36 -7.09
CA LEU A 309 -3.66 -17.61 -7.54
C LEU A 309 -2.92 -18.36 -6.45
N ILE A 310 -2.31 -19.46 -6.84
CA ILE A 310 -1.57 -20.29 -5.91
C ILE A 310 -0.40 -20.92 -6.69
N ASP A 311 0.75 -21.02 -6.03
CA ASP A 311 1.99 -21.45 -6.65
C ASP A 311 2.34 -22.84 -6.11
N ASP A 312 3.63 -23.16 -6.01
CA ASP A 312 4.15 -24.43 -5.52
C ASP A 312 3.88 -24.63 -4.04
N ASP A 313 3.91 -23.51 -3.30
CA ASP A 313 3.61 -23.50 -1.88
C ASP A 313 2.75 -22.26 -1.59
N ASN A 314 2.13 -22.20 -0.42
CA ASN A 314 1.35 -21.02 -0.04
C ASN A 314 1.80 -20.37 1.27
N PRO A 315 3.02 -19.79 1.30
CA PRO A 315 3.41 -18.97 2.46
C PRO A 315 2.48 -17.74 2.58
N PRO A 316 2.32 -17.14 3.79
CA PRO A 316 1.48 -15.93 3.91
C PRO A 316 1.79 -14.89 2.82
N VAL A 317 0.75 -14.37 2.17
CA VAL A 317 0.96 -13.29 1.22
C VAL A 317 0.74 -12.01 1.98
N SER A 318 1.74 -11.15 1.96
CA SER A 318 1.75 -9.95 2.82
C SER A 318 1.47 -8.67 2.03
N PHE A 319 1.46 -8.76 0.71
CA PHE A 319 1.20 -7.61 -0.11
C PHE A 319 0.88 -8.01 -1.53
N VAL A 320 -0.02 -7.26 -2.17
CA VAL A 320 -0.33 -7.53 -3.56
C VAL A 320 -0.80 -6.24 -4.24
N LYS A 321 -0.44 -6.05 -5.50
CA LYS A 321 -1.03 -4.93 -6.24
C LYS A 321 -0.94 -5.16 -7.75
N PHE A 322 -1.83 -4.54 -8.51
CA PHE A 322 -1.73 -4.58 -9.97
C PHE A 322 -0.57 -3.72 -10.48
N SER A 323 -0.02 -4.11 -11.62
CA SER A 323 0.97 -3.29 -12.33
C SER A 323 0.21 -2.15 -12.98
N PRO A 324 0.91 -1.04 -13.30
CA PRO A 324 0.15 0.14 -13.74
C PRO A 324 -0.67 -0.09 -15.02
N ASN A 325 -0.17 -0.92 -15.93
CA ASN A 325 -0.88 -1.21 -17.18
C ASN A 325 -1.96 -2.26 -16.96
N GLY A 326 -1.90 -2.90 -15.79
CA GLY A 326 -2.90 -3.88 -15.44
C GLY A 326 -2.61 -5.31 -15.83
N LYS A 327 -1.55 -5.57 -16.59
CA LYS A 327 -1.28 -6.94 -17.03
C LYS A 327 -0.78 -7.87 -15.90
N TYR A 328 -0.03 -7.36 -14.93
CA TYR A 328 0.50 -8.25 -13.88
C TYR A 328 0.00 -7.94 -12.48
N ILE A 329 0.21 -8.87 -11.55
CA ILE A 329 0.17 -8.50 -10.15
C ILE A 329 1.53 -8.85 -9.52
N LEU A 330 1.94 -8.00 -8.60
CA LEU A 330 3.12 -8.21 -7.81
C LEU A 330 2.63 -8.62 -6.43
N ALA A 331 3.17 -9.71 -5.91
CA ALA A 331 2.82 -10.23 -4.61
C ALA A 331 4.09 -10.48 -3.81
N ALA A 332 4.06 -10.11 -2.54
CA ALA A 332 5.17 -10.37 -1.65
C ALA A 332 4.76 -11.44 -0.70
N THR A 333 5.67 -12.34 -0.36
CA THR A 333 5.31 -13.34 0.61
C THR A 333 6.31 -13.37 1.76
N LEU A 334 5.87 -13.91 2.90
CA LEU A 334 6.69 -13.93 4.10
C LEU A 334 7.71 -15.06 4.05
N ASP A 335 8.19 -15.35 2.85
CA ASP A 335 9.33 -16.24 2.68
C ASP A 335 10.44 -15.48 1.97
N ASN A 336 10.52 -14.17 2.22
CA ASN A 336 11.57 -13.34 1.62
C ASN A 336 11.55 -13.31 0.11
N THR A 337 10.36 -13.24 -0.47
CA THR A 337 10.24 -13.34 -1.91
C THR A 337 9.16 -12.44 -2.46
N LEU A 338 9.48 -11.72 -3.51
CA LEU A 338 8.48 -11.03 -4.30
C LEU A 338 8.22 -11.80 -5.59
N LYS A 339 6.98 -11.80 -6.04
CA LYS A 339 6.59 -12.55 -7.24
C LYS A 339 5.73 -11.74 -8.22
N LEU A 340 6.14 -11.78 -9.47
CA LEU A 340 5.40 -11.13 -10.54
C LEU A 340 4.56 -12.15 -11.25
N TRP A 341 3.25 -11.94 -11.19
CA TRP A 341 2.32 -12.86 -11.83
C TRP A 341 1.72 -12.30 -13.08
N ASP A 342 1.49 -13.16 -14.06
CA ASP A 342 0.62 -12.86 -15.18
C ASP A 342 -0.68 -13.47 -14.71
N TYR A 343 -1.61 -12.64 -14.28
CA TYR A 343 -2.76 -13.19 -13.58
C TYR A 343 -3.78 -13.72 -14.59
N SER A 344 -3.79 -13.20 -15.83
CA SER A 344 -4.66 -13.73 -16.88
C SER A 344 -4.33 -15.21 -17.17
N LYS A 345 -3.05 -15.54 -17.44
CA LYS A 345 -2.62 -16.96 -17.56
C LYS A 345 -2.53 -17.68 -16.20
N GLY A 346 -2.38 -16.93 -15.12
CA GLY A 346 -2.30 -17.53 -13.79
C GLY A 346 -0.94 -18.11 -13.45
N LYS A 347 0.13 -17.57 -14.03
CA LYS A 347 1.47 -18.14 -13.85
C LYS A 347 2.47 -17.12 -13.28
N CYS A 348 3.31 -17.57 -12.37
CA CYS A 348 4.39 -16.74 -11.86
C CYS A 348 5.49 -16.54 -12.92
N LEU A 349 5.80 -15.29 -13.25
CA LEU A 349 6.74 -14.95 -14.33
C LEU A 349 8.14 -14.55 -13.82
N LYS A 350 8.17 -13.89 -12.68
CA LYS A 350 9.46 -13.49 -12.11
C LYS A 350 9.43 -13.63 -10.61
N THR A 351 10.64 -13.75 -10.07
CA THR A 351 10.85 -13.86 -8.65
C THR A 351 11.97 -12.89 -8.26
N TYR A 352 11.75 -12.11 -7.20
CA TYR A 352 12.74 -11.16 -6.73
C TYR A 352 13.11 -11.53 -5.31
N THR A 353 14.40 -11.69 -5.07
CA THR A 353 14.86 -12.11 -3.73
C THR A 353 16.09 -11.35 -3.27
N GLY A 354 16.46 -11.53 -2.02
CA GLY A 354 17.69 -10.93 -1.54
C GLY A 354 17.39 -10.04 -0.35
N HIS A 355 16.12 -9.63 -0.22
CA HIS A 355 15.69 -8.81 0.91
C HIS A 355 15.20 -9.75 2.00
N LYS A 356 14.81 -9.18 3.09
CA LYS A 356 14.41 -9.93 4.25
C LYS A 356 12.94 -9.56 4.51
N ASN A 357 12.06 -10.54 4.48
CA ASN A 357 10.66 -10.26 4.78
C ASN A 357 10.00 -11.54 5.27
N GLU A 358 10.03 -11.77 6.58
CA GLU A 358 9.39 -12.96 7.14
C GLU A 358 8.35 -12.62 8.15
N LYS A 359 8.19 -11.33 8.44
CA LYS A 359 7.29 -10.97 9.53
C LYS A 359 6.28 -9.84 9.24
N TYR A 360 6.63 -8.87 8.40
CA TYR A 360 5.81 -7.68 8.26
C TYR A 360 5.15 -7.62 6.90
N CYS A 361 4.00 -6.95 6.83
CA CYS A 361 3.35 -6.67 5.55
C CYS A 361 3.93 -5.38 5.00
N ILE A 362 4.98 -5.56 4.20
CA ILE A 362 5.74 -4.49 3.60
C ILE A 362 5.20 -4.14 2.22
N PHE A 363 4.92 -2.86 1.98
CA PHE A 363 4.54 -2.42 0.63
C PHE A 363 5.64 -2.62 -0.45
N ALA A 364 5.25 -3.00 -1.66
CA ALA A 364 6.18 -2.96 -2.79
C ALA A 364 5.55 -2.15 -3.90
N ASN A 365 6.29 -1.86 -4.95
CA ASN A 365 5.95 -0.85 -5.96
C ASN A 365 6.55 -1.21 -7.31
N PHE A 366 5.84 -0.85 -8.37
CA PHE A 366 6.43 -0.68 -9.68
C PHE A 366 6.94 0.76 -9.84
N SER A 367 8.23 0.91 -10.08
CA SER A 367 8.75 2.20 -10.46
C SER A 367 8.85 2.31 -11.98
N VAL A 368 8.12 3.27 -12.55
CA VAL A 368 7.96 3.33 -14.01
C VAL A 368 8.19 4.71 -14.62
N THR A 369 8.75 5.64 -13.85
CA THR A 369 9.02 6.99 -14.37
C THR A 369 10.37 7.06 -15.10
N GLY A 370 11.27 6.12 -14.76
CA GLY A 370 12.62 6.09 -15.31
C GLY A 370 12.87 4.70 -15.88
N GLY A 371 13.87 4.01 -15.36
CA GLY A 371 13.98 2.59 -15.63
C GLY A 371 12.77 1.86 -15.03
N LYS A 372 12.57 0.60 -15.44
CA LYS A 372 11.48 -0.17 -14.89
C LYS A 372 12.00 -0.97 -13.71
N TRP A 373 11.67 -0.53 -12.48
CA TRP A 373 12.16 -1.22 -11.27
C TRP A 373 11.03 -1.85 -10.46
N ILE A 374 11.40 -2.78 -9.59
CA ILE A 374 10.56 -3.19 -8.47
C ILE A 374 11.19 -2.61 -7.23
N VAL A 375 10.38 -1.96 -6.40
CA VAL A 375 10.87 -1.31 -5.19
C VAL A 375 10.23 -1.91 -3.95
N SER A 376 11.01 -2.30 -2.94
CA SER A 376 10.40 -2.83 -1.73
C SER A 376 11.18 -2.46 -0.48
N GLY A 377 10.47 -2.40 0.64
CA GLY A 377 11.10 -2.27 1.93
C GLY A 377 11.59 -3.63 2.40
N SER A 378 12.21 -3.67 3.57
CA SER A 378 12.87 -4.90 3.98
C SER A 378 13.07 -4.88 5.48
N GLU A 379 13.07 -6.05 6.13
CA GLU A 379 13.28 -6.11 7.56
C GLU A 379 14.76 -5.97 7.97
N ASP A 380 15.67 -5.84 7.01
CA ASP A 380 17.06 -5.47 7.36
C ASP A 380 17.32 -3.93 7.25
N ASN A 381 16.23 -3.15 7.29
CA ASN A 381 16.28 -1.68 7.31
C ASN A 381 16.71 -1.01 6.01
N LEU A 382 16.68 -1.75 4.90
CA LEU A 382 17.05 -1.20 3.58
C LEU A 382 15.88 -1.09 2.62
N VAL A 383 15.99 -0.14 1.70
CA VAL A 383 15.09 -0.12 0.55
C VAL A 383 15.77 -0.93 -0.56
N TYR A 384 15.08 -1.90 -1.13
CA TYR A 384 15.68 -2.65 -2.24
C TYR A 384 15.07 -2.21 -3.56
N ILE A 385 15.94 -2.08 -4.55
CA ILE A 385 15.46 -1.83 -5.90
C ILE A 385 15.95 -2.94 -6.84
N TRP A 386 15.04 -3.57 -7.57
CA TRP A 386 15.38 -4.66 -8.53
C TRP A 386 15.14 -4.24 -9.95
N ASN A 387 15.95 -4.77 -10.87
CA ASN A 387 15.61 -4.60 -12.27
C ASN A 387 14.40 -5.47 -12.54
N LEU A 388 13.34 -4.91 -13.10
CA LEU A 388 12.12 -5.70 -13.25
C LEU A 388 12.37 -6.92 -14.16
N GLN A 389 13.11 -6.66 -15.22
CA GLN A 389 13.25 -7.64 -16.30
C GLN A 389 14.26 -8.72 -15.92
N THR A 390 15.43 -8.34 -15.45
CA THR A 390 16.48 -9.32 -15.14
C THR A 390 16.48 -9.88 -13.73
N LYS A 391 15.73 -9.20 -12.83
CA LYS A 391 15.57 -9.59 -11.42
C LYS A 391 16.77 -9.42 -10.48
N GLU A 392 17.83 -8.75 -10.95
CA GLU A 392 18.96 -8.48 -10.07
C GLU A 392 18.68 -7.24 -9.22
N ILE A 393 19.15 -7.25 -7.98
CA ILE A 393 19.21 -6.05 -7.14
C ILE A 393 20.10 -4.98 -7.78
N VAL A 394 19.53 -3.80 -8.05
CA VAL A 394 20.26 -2.74 -8.72
C VAL A 394 20.58 -1.58 -7.78
N GLN A 395 19.88 -1.47 -6.66
CA GLN A 395 20.28 -0.55 -5.61
C GLN A 395 19.72 -0.97 -4.26
N LYS A 396 20.52 -0.74 -3.21
CA LYS A 396 20.03 -0.87 -1.83
C LYS A 396 20.19 0.41 -1.03
N LEU A 397 19.08 0.96 -0.56
CA LEU A 397 19.16 2.29 0.06
C LEU A 397 19.28 2.16 1.57
N GLN A 398 20.35 2.77 2.10
CA GLN A 398 20.71 2.68 3.51
C GLN A 398 20.40 4.01 4.17
N GLY A 399 19.94 4.00 5.43
CA GLY A 399 19.67 5.22 6.16
C GLY A 399 18.69 4.97 7.29
N HIS A 400 17.63 4.17 7.04
CA HIS A 400 16.68 3.84 8.10
C HIS A 400 17.25 2.98 9.23
N THR A 401 16.71 3.10 10.42
CA THR A 401 17.26 2.36 11.55
C THR A 401 16.30 1.34 12.11
N ASP A 402 15.26 1.06 11.34
CA ASP A 402 14.29 0.01 11.67
C ASP A 402 13.66 -0.49 10.38
N VAL A 403 12.89 -1.56 10.49
CA VAL A 403 12.23 -2.15 9.33
C VAL A 403 11.62 -1.10 8.41
N VAL A 404 11.93 -1.17 7.13
CA VAL A 404 11.29 -0.33 6.17
C VAL A 404 9.97 -1.03 5.75
N ILE A 405 8.88 -0.55 6.36
CA ILE A 405 7.52 -1.07 6.19
C ILE A 405 6.87 -0.63 4.86
N SER A 406 7.22 0.53 4.34
CA SER A 406 6.46 1.11 3.24
C SER A 406 7.42 1.90 2.35
N THR A 407 7.26 1.72 1.04
CA THR A 407 7.82 2.58 0.03
C THR A 407 6.72 3.00 -0.94
N ALA A 408 6.87 4.18 -1.54
CA ALA A 408 5.97 4.66 -2.57
C ALA A 408 6.80 5.31 -3.65
N CYS A 409 6.29 5.30 -4.89
CA CYS A 409 7.00 5.88 -6.05
C CYS A 409 6.20 7.03 -6.59
N HIS A 410 6.88 8.17 -6.83
CA HIS A 410 6.23 9.43 -7.20
C HIS A 410 5.64 9.27 -8.60
N PRO A 411 4.44 9.83 -8.84
CA PRO A 411 3.81 9.45 -10.14
C PRO A 411 4.52 10.01 -11.39
N THR A 412 5.38 11.05 -11.29
CA THR A 412 6.07 11.57 -12.49
C THR A 412 7.58 11.80 -12.35
N GLU A 413 8.08 11.93 -11.14
CA GLU A 413 9.52 12.10 -10.96
C GLU A 413 10.11 10.81 -10.45
N ASN A 414 11.43 10.70 -10.57
CA ASN A 414 12.17 9.56 -10.01
C ASN A 414 12.38 9.75 -8.51
N ILE A 415 11.29 9.69 -7.76
CA ILE A 415 11.35 9.90 -6.31
C ILE A 415 10.75 8.71 -5.58
N ILE A 416 11.44 8.25 -4.56
CA ILE A 416 10.93 7.17 -3.72
C ILE A 416 10.76 7.70 -2.31
N ALA A 417 9.63 7.43 -1.68
CA ALA A 417 9.48 7.72 -0.25
C ALA A 417 9.55 6.41 0.46
N SER A 418 10.15 6.37 1.63
CA SER A 418 10.23 5.13 2.40
C SER A 418 9.91 5.48 3.83
N ALA A 419 9.37 4.54 4.59
CA ALA A 419 9.00 4.86 5.97
C ALA A 419 9.34 3.66 6.83
N ALA A 420 9.59 3.89 8.12
CA ALA A 420 10.10 2.80 8.96
C ALA A 420 9.36 2.72 10.28
N LEU A 421 9.61 1.63 11.01
CA LEU A 421 8.84 1.25 12.19
C LEU A 421 9.33 1.94 13.45
N GLU A 422 8.90 1.43 14.61
CA GLU A 422 8.85 2.21 15.83
C GLU A 422 10.23 2.81 16.25
N ASN A 423 11.31 2.13 15.92
CA ASN A 423 12.62 2.58 16.40
C ASN A 423 13.31 3.55 15.47
N ASP A 424 12.61 3.92 14.41
CA ASP A 424 13.11 4.86 13.44
C ASP A 424 12.20 6.08 13.41
N LYS A 425 10.93 5.81 13.07
CA LYS A 425 9.82 6.78 13.03
C LYS A 425 9.95 7.82 11.94
N THR A 426 10.90 7.67 11.04
CA THR A 426 11.06 8.69 10.02
C THR A 426 10.66 8.22 8.63
N ILE A 427 10.47 9.20 7.78
CA ILE A 427 10.19 9.01 6.37
C ILE A 427 11.36 9.58 5.59
N LYS A 428 11.85 8.84 4.60
CA LYS A 428 12.93 9.32 3.77
C LYS A 428 12.49 9.52 2.34
N LEU A 429 12.94 10.61 1.75
CA LEU A 429 12.70 10.90 0.33
C LEU A 429 14.03 10.78 -0.43
N TRP A 430 14.03 9.95 -1.47
CA TRP A 430 15.22 9.63 -2.26
C TRP A 430 14.97 10.02 -3.71
N LYS A 431 16.00 10.53 -4.39
CA LYS A 431 15.86 10.93 -5.77
C LYS A 431 17.00 10.38 -6.62
N SER A 432 16.66 9.98 -7.85
CA SER A 432 17.62 9.46 -8.82
C SER A 432 17.83 10.46 -9.96
#